data_2EHD
#
_entry.id   2EHD
#
_cell.length_a   104.020
_cell.length_b   104.020
_cell.length_c   105.930
_cell.angle_alpha   90.00
_cell.angle_beta   90.00
_cell.angle_gamma   90.00
#
_symmetry.space_group_name_H-M   'P 41 21 2'
#
loop_
_entity.id
_entity.type
_entity.pdbx_description
1 polymer 'Oxidoreductase, short-chain dehydrogenase/reductase family'
2 non-polymer 'COBALT (II) ION'
3 water water
#
_entity_poly.entity_id   1
_entity_poly.type   'polypeptide(L)'
_entity_poly.pdbx_seq_one_letter_code
;MEGMKGAVLITGASRGIGEATARLLHAKGYRVGLMARDEKRLQALAAELEGALPLPGDVREEGDWARAVAAMEEAFGELS
ALVNNAGVGVMKPVHELTLEEWRLVLDTNLTGAFLGIRHAVPALLRRGGGTIVNVGSLAGKNPFKGGAAYNASKFGLLGL
AGAAMLDLREANVRVVNVLPGSVDTGFAGNTPGQAWKLKPEDVAQAVLFALEMPGHAMVSEIELRPTRPTSGPR
;
_entity_poly.pdbx_strand_id   A,B
#
loop_
_chem_comp.id
_chem_comp.type
_chem_comp.name
_chem_comp.formula
CO non-polymer 'COBALT (II) ION' 'Co 2'
#
# COMPACT_ATOMS: atom_id res chain seq x y z
N MET A 4 -27.46 -14.99 -20.51
CA MET A 4 -26.85 -15.77 -19.38
C MET A 4 -25.33 -15.81 -19.43
N LYS A 5 -24.71 -14.65 -19.59
CA LYS A 5 -23.25 -14.56 -19.64
C LYS A 5 -22.66 -14.31 -18.25
N GLY A 6 -23.44 -13.71 -17.36
CA GLY A 6 -22.95 -13.45 -16.02
C GLY A 6 -22.99 -11.97 -15.69
N ALA A 7 -23.37 -11.64 -14.46
CA ALA A 7 -23.43 -10.26 -14.02
C ALA A 7 -22.07 -9.82 -13.48
N VAL A 8 -21.52 -8.77 -14.09
CA VAL A 8 -20.23 -8.24 -13.72
C VAL A 8 -20.26 -6.79 -13.24
N LEU A 9 -19.66 -6.56 -12.08
CA LEU A 9 -19.58 -5.23 -11.47
C LEU A 9 -18.22 -4.60 -11.81
N ILE A 10 -18.24 -3.37 -12.30
CA ILE A 10 -17.03 -2.65 -12.70
C ILE A 10 -16.94 -1.27 -12.04
N THR A 11 -15.81 -0.96 -11.42
CA THR A 11 -15.60 0.34 -10.77
C THR A 11 -14.88 1.27 -11.75
N GLY A 12 -14.93 2.57 -11.50
CA GLY A 12 -14.32 3.52 -12.43
C GLY A 12 -14.82 3.27 -13.85
N ALA A 13 -16.11 2.94 -13.98
CA ALA A 13 -16.68 2.63 -15.28
C ALA A 13 -16.98 3.78 -16.22
N SER A 14 -17.01 5.01 -15.71
CA SER A 14 -17.36 6.17 -16.54
C SER A 14 -16.31 6.63 -17.56
N ARG A 15 -15.06 6.20 -17.40
CA ARG A 15 -14.00 6.62 -18.33
C ARG A 15 -12.88 5.60 -18.48
N GLY A 16 -11.93 5.94 -19.36
CA GLY A 16 -10.78 5.09 -19.61
C GLY A 16 -11.01 3.60 -19.76
N ILE A 17 -10.20 2.82 -19.06
CA ILE A 17 -10.32 1.37 -19.11
C ILE A 17 -11.69 0.90 -18.63
N GLY A 18 -12.17 1.50 -17.55
CA GLY A 18 -13.47 1.12 -17.01
C GLY A 18 -14.57 1.17 -18.07
N GLU A 19 -14.67 2.30 -18.77
CA GLU A 19 -15.67 2.49 -19.81
C GLU A 19 -15.51 1.50 -20.95
N ALA A 20 -14.27 1.35 -21.44
CA ALA A 20 -14.00 0.41 -22.55
C ALA A 20 -14.39 -0.99 -22.13
N THR A 21 -14.06 -1.33 -20.90
CA THR A 21 -14.39 -2.64 -20.39
C THR A 21 -15.91 -2.77 -20.33
N ALA A 22 -16.57 -1.76 -19.76
CA ALA A 22 -18.03 -1.78 -19.66
C ALA A 22 -18.65 -1.99 -21.04
N ARG A 23 -18.23 -1.17 -22.00
CA ARG A 23 -18.75 -1.25 -23.36
C ARG A 23 -18.51 -2.63 -24.00
N LEU A 24 -17.33 -3.19 -23.81
CA LEU A 24 -17.01 -4.48 -24.39
C LEU A 24 -17.86 -5.60 -23.80
N LEU A 25 -17.85 -5.73 -22.47
CA LEU A 25 -18.63 -6.77 -21.82
C LEU A 25 -20.11 -6.69 -22.17
N HIS A 26 -20.66 -5.49 -22.22
CA HIS A 26 -22.07 -5.29 -22.54
C HIS A 26 -22.36 -5.75 -23.97
N ALA A 27 -21.46 -5.42 -24.89
CA ALA A 27 -21.62 -5.80 -26.28
C ALA A 27 -21.39 -7.31 -26.43
N LYS A 28 -20.82 -7.94 -25.41
CA LYS A 28 -20.55 -9.37 -25.45
C LYS A 28 -21.62 -10.20 -24.77
N GLY A 29 -22.68 -9.56 -24.30
CA GLY A 29 -23.75 -10.30 -23.65
C GLY A 29 -23.71 -10.34 -22.14
N TYR A 30 -22.76 -9.62 -21.54
CA TYR A 30 -22.66 -9.57 -20.08
C TYR A 30 -23.62 -8.53 -19.52
N ARG A 31 -24.19 -8.80 -18.36
CA ARG A 31 -25.07 -7.84 -17.72
C ARG A 31 -24.18 -7.14 -16.70
N VAL A 32 -23.75 -5.93 -17.04
CA VAL A 32 -22.83 -5.17 -16.20
C VAL A 32 -23.36 -4.07 -15.32
N GLY A 33 -22.72 -3.90 -14.17
CA GLY A 33 -23.07 -2.86 -13.23
C GLY A 33 -21.97 -1.83 -13.38
N LEU A 34 -22.35 -0.57 -13.52
CA LEU A 34 -21.41 0.52 -13.70
C LEU A 34 -21.24 1.36 -12.44
N MET A 35 -20.14 1.16 -11.73
CA MET A 35 -19.88 1.94 -10.52
C MET A 35 -18.94 3.08 -10.90
N ALA A 36 -19.31 4.29 -10.50
CA ALA A 36 -18.48 5.44 -10.81
C ALA A 36 -18.82 6.64 -9.95
N ARG A 37 -17.83 7.51 -9.75
CA ARG A 37 -18.02 8.71 -8.95
C ARG A 37 -18.62 9.83 -9.80
N ASP A 38 -18.13 9.95 -11.04
CA ASP A 38 -18.60 10.99 -11.97
C ASP A 38 -20.02 10.69 -12.47
N GLU A 39 -21.01 11.27 -11.80
CA GLU A 39 -22.41 11.07 -12.16
C GLU A 39 -22.74 11.51 -13.57
N LYS A 40 -22.27 12.69 -13.96
CA LYS A 40 -22.56 13.20 -15.29
C LYS A 40 -22.17 12.20 -16.37
N ARG A 41 -20.93 11.72 -16.34
CA ARG A 41 -20.48 10.76 -17.35
C ARG A 41 -21.23 9.43 -17.26
N LEU A 42 -21.45 8.96 -16.05
CA LEU A 42 -22.14 7.70 -15.83
C LEU A 42 -23.56 7.75 -16.40
N GLN A 43 -24.24 8.88 -16.26
CA GLN A 43 -25.60 9.04 -16.76
C GLN A 43 -25.65 8.87 -18.26
N ALA A 44 -24.64 9.38 -18.96
CA ALA A 44 -24.59 9.27 -20.41
C ALA A 44 -24.31 7.82 -20.79
N LEU A 45 -23.38 7.19 -20.09
CA LEU A 45 -23.02 5.80 -20.36
C LEU A 45 -24.18 4.85 -20.05
N ALA A 46 -25.00 5.22 -19.09
CA ALA A 46 -26.15 4.40 -18.72
C ALA A 46 -27.17 4.34 -19.86
N ALA A 47 -27.22 5.41 -20.65
CA ALA A 47 -28.15 5.47 -21.78
C ALA A 47 -27.53 4.85 -23.04
N GLU A 48 -26.20 4.74 -23.06
CA GLU A 48 -25.52 4.14 -24.21
C GLU A 48 -25.66 2.63 -24.08
N LEU A 49 -25.27 2.12 -22.93
CA LEU A 49 -25.34 0.69 -22.66
C LEU A 49 -26.67 0.37 -21.99
N GLU A 50 -27.76 0.43 -22.76
CA GLU A 50 -29.08 0.15 -22.21
C GLU A 50 -29.08 -1.25 -21.64
N GLY A 51 -29.58 -1.38 -20.42
CA GLY A 51 -29.59 -2.67 -19.77
C GLY A 51 -28.58 -2.64 -18.65
N ALA A 52 -27.49 -1.89 -18.84
CA ALA A 52 -26.47 -1.81 -17.81
C ALA A 52 -27.08 -1.20 -16.55
N LEU A 53 -26.50 -1.51 -15.41
CA LEU A 53 -26.99 -1.00 -14.14
C LEU A 53 -26.08 0.14 -13.66
N PRO A 54 -26.53 1.40 -13.86
CA PRO A 54 -25.73 2.55 -13.43
C PRO A 54 -25.74 2.70 -11.92
N LEU A 55 -24.56 2.62 -11.31
CA LEU A 55 -24.44 2.70 -9.85
C LEU A 55 -23.47 3.77 -9.39
N PRO A 56 -23.87 5.05 -9.45
CA PRO A 56 -23.00 6.14 -9.02
C PRO A 56 -22.74 5.99 -7.52
N GLY A 57 -21.49 6.16 -7.11
CA GLY A 57 -21.13 6.02 -5.71
C GLY A 57 -19.65 6.20 -5.46
N ASP A 58 -19.24 5.94 -4.22
CA ASP A 58 -17.84 6.11 -3.82
C ASP A 58 -17.21 4.78 -3.43
N VAL A 59 -16.23 4.35 -4.21
CA VAL A 59 -15.52 3.10 -3.99
C VAL A 59 -14.84 3.05 -2.61
N ARG A 60 -14.63 4.21 -2.00
CA ARG A 60 -14.00 4.31 -0.69
C ARG A 60 -14.99 4.01 0.42
N GLU A 61 -16.27 4.15 0.12
CA GLU A 61 -17.32 3.93 1.11
C GLU A 61 -17.85 2.51 1.13
N GLU A 62 -17.75 1.88 2.30
CA GLU A 62 -18.22 0.53 2.48
C GLU A 62 -19.75 0.45 2.30
N GLY A 63 -20.44 1.55 2.58
CA GLY A 63 -21.88 1.57 2.43
C GLY A 63 -22.30 1.50 0.98
N ASP A 64 -21.58 2.23 0.12
CA ASP A 64 -21.86 2.22 -1.31
C ASP A 64 -21.60 0.84 -1.89
N TRP A 65 -20.61 0.13 -1.34
CA TRP A 65 -20.30 -1.22 -1.84
C TRP A 65 -21.43 -2.19 -1.51
N ALA A 66 -21.99 -2.06 -0.31
CA ALA A 66 -23.08 -2.94 0.10
C ALA A 66 -24.25 -2.74 -0.85
N ARG A 67 -24.60 -1.49 -1.11
CA ARG A 67 -25.70 -1.16 -2.00
C ARG A 67 -25.47 -1.64 -3.44
N ALA A 68 -24.23 -1.50 -3.93
CA ALA A 68 -23.91 -1.91 -5.29
C ALA A 68 -24.04 -3.42 -5.47
N VAL A 69 -23.46 -4.18 -4.55
CA VAL A 69 -23.52 -5.64 -4.65
C VAL A 69 -24.97 -6.11 -4.50
N ALA A 70 -25.69 -5.50 -3.56
CA ALA A 70 -27.09 -5.85 -3.34
C ALA A 70 -27.90 -5.53 -4.59
N ALA A 71 -27.56 -4.42 -5.24
CA ALA A 71 -28.26 -3.99 -6.45
C ALA A 71 -28.02 -4.96 -7.60
N MET A 72 -26.81 -5.50 -7.69
CA MET A 72 -26.48 -6.46 -8.74
C MET A 72 -27.32 -7.73 -8.59
N GLU A 73 -27.44 -8.19 -7.35
CA GLU A 73 -28.19 -9.40 -7.07
C GLU A 73 -29.69 -9.20 -7.24
N GLU A 74 -30.16 -7.99 -7.00
CA GLU A 74 -31.57 -7.68 -7.13
C GLU A 74 -31.97 -7.48 -8.59
N ALA A 75 -31.07 -6.97 -9.41
CA ALA A 75 -31.37 -6.73 -10.81
C ALA A 75 -31.06 -7.93 -11.71
N PHE A 76 -30.00 -8.66 -11.40
CA PHE A 76 -29.63 -9.80 -12.22
C PHE A 76 -29.75 -11.13 -11.49
N GLY A 77 -30.10 -11.08 -10.22
CA GLY A 77 -30.25 -12.31 -9.45
C GLY A 77 -28.95 -12.90 -8.93
N GLU A 78 -27.82 -12.35 -9.35
CA GLU A 78 -26.52 -12.83 -8.90
C GLU A 78 -25.36 -11.93 -9.33
N LEU A 79 -24.17 -12.25 -8.84
CA LEU A 79 -22.95 -11.52 -9.17
C LEU A 79 -21.93 -12.57 -9.56
N SER A 80 -21.42 -12.52 -10.79
CA SER A 80 -20.46 -13.52 -11.22
C SER A 80 -19.02 -13.01 -11.17
N ALA A 81 -18.86 -11.70 -11.27
CA ALA A 81 -17.52 -11.15 -11.25
C ALA A 81 -17.47 -9.69 -10.84
N LEU A 82 -16.29 -9.29 -10.42
CA LEU A 82 -16.02 -7.92 -10.01
C LEU A 82 -14.74 -7.48 -10.70
N VAL A 83 -14.77 -6.29 -11.28
CA VAL A 83 -13.59 -5.75 -11.94
C VAL A 83 -13.13 -4.53 -11.18
N ASN A 84 -12.09 -4.68 -10.36
CA ASN A 84 -11.55 -3.56 -9.60
C ASN A 84 -10.70 -2.74 -10.56
N ASN A 85 -11.26 -1.64 -11.04
CA ASN A 85 -10.57 -0.77 -11.97
C ASN A 85 -10.30 0.60 -11.35
N ALA A 86 -11.34 1.19 -10.76
CA ALA A 86 -11.23 2.51 -10.14
C ALA A 86 -9.78 2.84 -9.73
N GLY A 87 -9.28 3.97 -10.22
CA GLY A 87 -7.92 4.36 -9.91
C GLY A 87 -7.63 5.83 -10.21
N VAL A 88 -7.26 6.59 -9.19
CA VAL A 88 -6.95 8.01 -9.36
C VAL A 88 -5.50 8.29 -8.93
N GLY A 89 -4.98 9.45 -9.27
CA GLY A 89 -3.61 9.78 -8.88
C GLY A 89 -3.39 11.25 -8.55
N VAL A 90 -2.30 11.53 -7.83
CA VAL A 90 -1.92 12.89 -7.49
C VAL A 90 -0.41 12.90 -7.56
N MET A 91 0.13 13.35 -8.67
CA MET A 91 1.57 13.35 -8.88
C MET A 91 2.28 14.60 -8.36
N LYS A 92 2.94 14.44 -7.21
CA LYS A 92 3.69 15.51 -6.55
C LYS A 92 4.79 14.83 -5.74
N PRO A 93 5.89 15.54 -5.47
CA PRO A 93 7.00 14.98 -4.69
C PRO A 93 6.42 14.42 -3.40
N VAL A 94 6.92 13.25 -2.98
CA VAL A 94 6.42 12.60 -1.79
C VAL A 94 6.20 13.54 -0.60
N HIS A 95 7.21 14.35 -0.27
CA HIS A 95 7.10 15.27 0.85
C HIS A 95 6.19 16.48 0.65
N GLU A 96 5.62 16.62 -0.54
CA GLU A 96 4.72 17.74 -0.79
C GLU A 96 3.29 17.27 -0.72
N LEU A 97 3.08 15.97 -0.78
CA LEU A 97 1.73 15.43 -0.71
C LEU A 97 1.17 15.70 0.69
N THR A 98 -0.13 15.98 0.75
CA THR A 98 -0.75 16.20 2.04
C THR A 98 -1.37 14.86 2.42
N LEU A 99 -1.80 14.72 3.67
CA LEU A 99 -2.41 13.46 4.10
C LEU A 99 -3.67 13.21 3.28
N GLU A 100 -4.44 14.27 3.07
CA GLU A 100 -5.68 14.19 2.30
C GLU A 100 -5.46 13.65 0.88
N GLU A 101 -4.40 14.11 0.21
CA GLU A 101 -4.10 13.66 -1.14
C GLU A 101 -3.63 12.20 -1.08
N TRP A 102 -2.80 11.88 -0.09
CA TRP A 102 -2.31 10.52 0.06
C TRP A 102 -3.49 9.57 0.21
N ARG A 103 -4.39 9.92 1.12
CA ARG A 103 -5.59 9.13 1.39
C ARG A 103 -6.53 8.97 0.20
N LEU A 104 -6.69 10.04 -0.58
CA LEU A 104 -7.55 9.99 -1.75
C LEU A 104 -7.10 8.87 -2.68
N VAL A 105 -5.80 8.83 -2.96
CA VAL A 105 -5.24 7.81 -3.83
C VAL A 105 -5.31 6.41 -3.23
N LEU A 106 -4.78 6.25 -2.02
CA LEU A 106 -4.76 4.97 -1.32
C LEU A 106 -6.15 4.42 -1.01
N ASP A 107 -7.05 5.26 -0.52
CA ASP A 107 -8.41 4.84 -0.21
C ASP A 107 -9.17 4.40 -1.45
N THR A 108 -8.97 5.11 -2.56
CA THR A 108 -9.63 4.80 -3.82
C THR A 108 -9.01 3.60 -4.52
N ASN A 109 -7.70 3.64 -4.75
CA ASN A 109 -7.02 2.57 -5.46
C ASN A 109 -6.83 1.29 -4.66
N LEU A 110 -6.46 1.40 -3.39
CA LEU A 110 -6.22 0.21 -2.58
C LEU A 110 -7.38 -0.18 -1.66
N THR A 111 -7.76 0.71 -0.74
CA THR A 111 -8.87 0.41 0.16
C THR A 111 -10.13 0.06 -0.63
N GLY A 112 -10.35 0.76 -1.74
CA GLY A 112 -11.51 0.50 -2.56
C GLY A 112 -11.58 -0.91 -3.11
N ALA A 113 -10.44 -1.45 -3.50
CA ALA A 113 -10.35 -2.80 -4.04
C ALA A 113 -10.61 -3.80 -2.93
N PHE A 114 -10.03 -3.53 -1.76
CA PHE A 114 -10.23 -4.41 -0.62
C PHE A 114 -11.73 -4.51 -0.34
N LEU A 115 -12.39 -3.36 -0.25
CA LEU A 115 -13.83 -3.35 0.02
C LEU A 115 -14.61 -4.04 -1.08
N GLY A 116 -14.13 -3.93 -2.31
CA GLY A 116 -14.82 -4.57 -3.42
C GLY A 116 -14.83 -6.06 -3.18
N ILE A 117 -13.66 -6.58 -2.85
CA ILE A 117 -13.47 -8.00 -2.57
C ILE A 117 -14.32 -8.47 -1.39
N ARG A 118 -14.25 -7.75 -0.29
CA ARG A 118 -15.00 -8.06 0.93
C ARG A 118 -16.50 -8.17 0.67
N HIS A 119 -17.05 -7.17 -0.03
CA HIS A 119 -18.47 -7.15 -0.32
C HIS A 119 -18.90 -8.03 -1.49
N ALA A 120 -17.96 -8.40 -2.35
CA ALA A 120 -18.30 -9.25 -3.50
C ALA A 120 -18.22 -10.74 -3.22
N VAL A 121 -17.22 -11.16 -2.47
CA VAL A 121 -17.04 -12.58 -2.17
C VAL A 121 -18.32 -13.28 -1.68
N PRO A 122 -19.02 -12.70 -0.69
CA PRO A 122 -20.25 -13.32 -0.18
C PRO A 122 -21.29 -13.55 -1.28
N ALA A 123 -21.34 -12.62 -2.23
CA ALA A 123 -22.29 -12.75 -3.34
C ALA A 123 -21.82 -13.80 -4.34
N LEU A 124 -20.50 -13.91 -4.54
CA LEU A 124 -19.98 -14.91 -5.48
C LEU A 124 -20.20 -16.31 -4.93
N LEU A 125 -19.95 -16.47 -3.63
CA LEU A 125 -20.11 -17.74 -2.95
C LEU A 125 -21.53 -18.27 -3.12
N ARG A 126 -22.51 -17.37 -3.07
CA ARG A 126 -23.90 -17.76 -3.23
C ARG A 126 -24.18 -18.22 -4.65
N ARG A 127 -23.25 -17.93 -5.56
CA ARG A 127 -23.42 -18.33 -6.94
C ARG A 127 -22.56 -19.56 -7.21
N GLY A 128 -21.84 -20.01 -6.18
CA GLY A 128 -20.99 -21.17 -6.34
C GLY A 128 -19.58 -20.80 -6.78
N GLY A 129 -19.30 -19.50 -6.81
CA GLY A 129 -17.98 -19.03 -7.22
C GLY A 129 -18.01 -17.83 -8.15
N GLY A 130 -16.84 -17.45 -8.67
CA GLY A 130 -16.80 -16.32 -9.57
C GLY A 130 -15.40 -15.80 -9.80
N THR A 131 -15.30 -14.63 -10.42
CA THR A 131 -14.02 -14.05 -10.73
C THR A 131 -13.85 -12.60 -10.27
N ILE A 132 -12.66 -12.32 -9.74
CA ILE A 132 -12.32 -10.98 -9.30
C ILE A 132 -11.08 -10.54 -10.08
N VAL A 133 -11.26 -9.53 -10.93
CA VAL A 133 -10.17 -9.00 -11.77
C VAL A 133 -9.69 -7.65 -11.24
N ASN A 134 -8.38 -7.52 -11.05
CA ASN A 134 -7.82 -6.26 -10.56
C ASN A 134 -6.94 -5.66 -11.66
N VAL A 135 -7.15 -4.39 -11.98
CA VAL A 135 -6.34 -3.73 -13.00
C VAL A 135 -5.08 -3.11 -12.37
N GLY A 136 -3.91 -3.55 -12.85
CA GLY A 136 -2.65 -3.06 -12.32
C GLY A 136 -2.33 -1.63 -12.66
N SER A 137 -1.12 -1.18 -12.36
CA SER A 137 -0.68 0.18 -12.62
C SER A 137 -0.52 0.47 -14.10
N LEU A 138 -1.03 1.63 -14.52
CA LEU A 138 -0.97 2.05 -15.91
C LEU A 138 0.40 2.62 -16.25
N ALA A 139 1.39 2.28 -15.42
CA ALA A 139 2.76 2.75 -15.63
C ALA A 139 3.76 1.68 -15.20
N GLY A 140 3.39 0.42 -15.40
CA GLY A 140 4.26 -0.67 -15.02
C GLY A 140 4.42 -0.81 -13.53
N LYS A 141 5.42 -1.57 -13.10
CA LYS A 141 5.67 -1.78 -11.68
C LYS A 141 7.00 -1.20 -11.24
N ASN A 142 7.38 -0.09 -11.86
CA ASN A 142 8.63 0.56 -11.53
C ASN A 142 8.32 1.93 -10.94
N PRO A 143 9.00 2.27 -9.83
CA PRO A 143 8.76 3.57 -9.19
C PRO A 143 9.20 4.72 -10.08
N PHE A 144 8.46 5.84 -9.99
CA PHE A 144 8.77 7.04 -10.77
C PHE A 144 8.48 8.28 -9.92
N LYS A 145 9.29 9.32 -10.10
CA LYS A 145 9.14 10.55 -9.33
C LYS A 145 7.72 11.09 -9.36
N GLY A 146 7.24 11.54 -8.20
CA GLY A 146 5.91 12.09 -8.12
C GLY A 146 4.86 11.00 -8.00
N GLY A 147 5.27 9.75 -8.03
CA GLY A 147 4.31 8.66 -7.94
C GLY A 147 4.23 7.91 -6.61
N ALA A 148 4.78 8.50 -5.56
CA ALA A 148 4.79 7.87 -4.24
C ALA A 148 3.44 7.27 -3.85
N ALA A 149 2.39 8.10 -3.83
CA ALA A 149 1.07 7.59 -3.48
C ALA A 149 0.57 6.60 -4.51
N TYR A 150 0.71 6.93 -5.78
CA TYR A 150 0.23 6.05 -6.82
C TYR A 150 0.91 4.69 -6.79
N ASN A 151 2.25 4.67 -6.71
CA ASN A 151 2.99 3.43 -6.67
C ASN A 151 2.63 2.63 -5.42
N ALA A 152 2.54 3.33 -4.29
CA ALA A 152 2.18 2.67 -3.03
C ALA A 152 0.86 1.95 -3.17
N SER A 153 -0.11 2.59 -3.81
CA SER A 153 -1.44 1.97 -3.98
C SER A 153 -1.44 0.80 -4.97
N LYS A 154 -0.67 0.94 -6.04
CA LYS A 154 -0.61 -0.10 -7.04
C LYS A 154 0.20 -1.32 -6.59
N PHE A 155 1.27 -1.09 -5.83
CA PHE A 155 2.07 -2.19 -5.32
C PHE A 155 1.23 -2.88 -4.26
N GLY A 156 0.59 -2.06 -3.40
CA GLY A 156 -0.25 -2.58 -2.34
C GLY A 156 -1.30 -3.49 -2.93
N LEU A 157 -1.88 -3.04 -4.03
CA LEU A 157 -2.91 -3.80 -4.74
C LEU A 157 -2.45 -5.23 -5.05
N LEU A 158 -1.21 -5.37 -5.51
CA LEU A 158 -0.66 -6.69 -5.84
C LEU A 158 -0.55 -7.58 -4.60
N GLY A 159 -0.15 -6.98 -3.49
CA GLY A 159 -0.06 -7.73 -2.25
C GLY A 159 -1.44 -8.19 -1.84
N LEU A 160 -2.42 -7.30 -1.94
CA LEU A 160 -3.81 -7.62 -1.59
C LEU A 160 -4.34 -8.75 -2.47
N ALA A 161 -4.13 -8.62 -3.78
CA ALA A 161 -4.59 -9.61 -4.73
C ALA A 161 -3.91 -10.98 -4.54
N GLY A 162 -2.61 -10.96 -4.26
CA GLY A 162 -1.88 -12.20 -4.06
C GLY A 162 -2.41 -12.99 -2.88
N ALA A 163 -2.61 -12.31 -1.77
CA ALA A 163 -3.14 -12.97 -0.58
C ALA A 163 -4.58 -13.41 -0.80
N ALA A 164 -5.38 -12.53 -1.41
CA ALA A 164 -6.78 -12.86 -1.67
C ALA A 164 -6.91 -14.09 -2.55
N MET A 165 -6.06 -14.19 -3.56
CA MET A 165 -6.11 -15.33 -4.46
C MET A 165 -5.94 -16.63 -3.70
N LEU A 166 -5.01 -16.65 -2.74
CA LEU A 166 -4.77 -17.85 -1.94
C LEU A 166 -5.93 -18.12 -0.99
N ASP A 167 -6.54 -17.06 -0.47
CA ASP A 167 -7.67 -17.21 0.46
C ASP A 167 -8.95 -17.77 -0.15
N LEU A 168 -9.32 -17.23 -1.31
CA LEU A 168 -10.57 -17.60 -1.99
C LEU A 168 -10.48 -18.76 -2.95
N ARG A 169 -9.25 -19.18 -3.26
CA ARG A 169 -9.00 -20.26 -4.19
C ARG A 169 -9.80 -21.56 -3.94
N GLU A 170 -9.96 -21.96 -2.68
CA GLU A 170 -10.69 -23.18 -2.38
C GLU A 170 -12.21 -22.99 -2.40
N ALA A 171 -12.65 -21.74 -2.55
CA ALA A 171 -14.08 -21.46 -2.58
C ALA A 171 -14.52 -21.17 -4.01
N ASN A 172 -13.71 -21.63 -4.96
CA ASN A 172 -13.96 -21.46 -6.39
C ASN A 172 -14.06 -20.00 -6.84
N VAL A 173 -13.29 -19.14 -6.18
CA VAL A 173 -13.25 -17.72 -6.53
C VAL A 173 -11.84 -17.45 -7.07
N ARG A 174 -11.76 -17.06 -8.34
CA ARG A 174 -10.46 -16.79 -8.95
C ARG A 174 -10.11 -15.31 -8.93
N VAL A 175 -8.96 -14.98 -8.37
CA VAL A 175 -8.49 -13.60 -8.33
C VAL A 175 -7.48 -13.48 -9.47
N VAL A 176 -7.73 -12.60 -10.43
CA VAL A 176 -6.82 -12.44 -11.57
C VAL A 176 -6.37 -11.01 -11.75
N ASN A 177 -5.07 -10.80 -11.94
CA ASN A 177 -4.56 -9.46 -12.15
C ASN A 177 -4.26 -9.18 -13.61
N VAL A 178 -4.78 -8.06 -14.11
CA VAL A 178 -4.54 -7.64 -15.48
C VAL A 178 -3.65 -6.42 -15.36
N LEU A 179 -2.39 -6.58 -15.74
CA LEU A 179 -1.41 -5.51 -15.64
C LEU A 179 -1.06 -4.89 -16.99
N PRO A 180 -1.62 -3.70 -17.28
CA PRO A 180 -1.38 -3.02 -18.55
C PRO A 180 0.06 -2.49 -18.66
N GLY A 181 0.65 -2.18 -17.51
CA GLY A 181 2.02 -1.68 -17.50
C GLY A 181 3.05 -2.79 -17.55
N LEU A 198 -1.49 -0.15 -23.40
CA LEU A 198 -1.38 1.02 -24.32
C LEU A 198 -2.73 1.74 -24.40
N LYS A 199 -3.58 1.26 -25.29
CA LYS A 199 -4.91 1.83 -25.50
C LYS A 199 -5.90 1.21 -24.52
N PRO A 200 -6.90 1.98 -24.09
CA PRO A 200 -7.90 1.47 -23.14
C PRO A 200 -8.64 0.24 -23.69
N GLU A 201 -8.89 0.23 -24.99
CA GLU A 201 -9.59 -0.89 -25.62
C GLU A 201 -8.77 -2.17 -25.49
N ASP A 202 -7.46 -2.02 -25.33
CA ASP A 202 -6.57 -3.17 -25.18
C ASP A 202 -6.75 -3.84 -23.82
N VAL A 203 -6.62 -3.05 -22.75
CA VAL A 203 -6.78 -3.56 -21.40
C VAL A 203 -8.14 -4.20 -21.28
N ALA A 204 -9.14 -3.56 -21.88
CA ALA A 204 -10.51 -4.06 -21.84
C ALA A 204 -10.57 -5.47 -22.41
N GLN A 205 -9.80 -5.72 -23.46
CA GLN A 205 -9.76 -7.04 -24.09
C GLN A 205 -9.17 -8.05 -23.11
N ALA A 206 -8.10 -7.64 -22.44
CA ALA A 206 -7.43 -8.48 -21.46
C ALA A 206 -8.40 -8.90 -20.35
N VAL A 207 -9.23 -7.96 -19.90
CA VAL A 207 -10.21 -8.27 -18.86
C VAL A 207 -11.19 -9.31 -19.38
N LEU A 208 -11.62 -9.14 -20.63
CA LEU A 208 -12.55 -10.11 -21.22
C LEU A 208 -11.96 -11.51 -21.19
N PHE A 209 -10.70 -11.63 -21.61
CA PHE A 209 -10.04 -12.93 -21.62
C PHE A 209 -10.05 -13.56 -20.23
N ALA A 210 -9.66 -12.78 -19.23
CA ALA A 210 -9.61 -13.26 -17.86
C ALA A 210 -10.95 -13.80 -17.36
N LEU A 211 -12.05 -13.24 -17.88
CA LEU A 211 -13.39 -13.65 -17.46
C LEU A 211 -13.95 -14.89 -18.16
N GLU A 212 -13.48 -15.16 -19.38
CA GLU A 212 -13.98 -16.30 -20.12
C GLU A 212 -13.03 -17.47 -20.20
N MET A 213 -11.75 -17.19 -20.44
CA MET A 213 -10.76 -18.24 -20.56
C MET A 213 -10.52 -19.07 -19.30
N PRO A 214 -9.98 -18.45 -18.24
CA PRO A 214 -9.72 -19.19 -17.00
C PRO A 214 -10.85 -20.12 -16.55
N GLY A 215 -11.68 -19.64 -15.63
CA GLY A 215 -12.79 -20.46 -15.14
C GLY A 215 -12.37 -21.61 -14.25
N HIS A 216 -11.33 -22.33 -14.65
CA HIS A 216 -10.84 -23.48 -13.88
C HIS A 216 -9.92 -23.04 -12.75
N ALA A 217 -9.88 -21.73 -12.50
CA ALA A 217 -9.06 -21.15 -11.44
C ALA A 217 -7.57 -21.53 -11.54
N MET A 218 -6.95 -21.18 -12.66
CA MET A 218 -5.54 -21.49 -12.86
C MET A 218 -4.72 -20.24 -13.21
N VAL A 219 -5.21 -19.45 -14.16
CA VAL A 219 -4.53 -18.22 -14.55
C VAL A 219 -4.76 -17.15 -13.48
N SER A 220 -3.68 -16.62 -12.94
CA SER A 220 -3.78 -15.61 -11.88
C SER A 220 -3.21 -14.26 -12.29
N GLU A 221 -2.69 -14.16 -13.51
CA GLU A 221 -2.14 -12.89 -13.95
C GLU A 221 -1.90 -12.79 -15.44
N ILE A 222 -2.40 -11.72 -16.03
CA ILE A 222 -2.25 -11.48 -17.46
C ILE A 222 -1.52 -10.16 -17.61
N GLU A 223 -0.44 -10.16 -18.38
CA GLU A 223 0.34 -8.95 -18.57
C GLU A 223 0.35 -8.50 -20.03
N LEU A 224 0.23 -7.19 -20.25
CA LEU A 224 0.23 -6.63 -21.60
C LEU A 224 1.54 -5.89 -21.86
N ARG A 225 2.01 -5.97 -23.11
CA ARG A 225 3.25 -5.31 -23.51
C ARG A 225 3.14 -3.78 -23.41
N PRO A 226 4.21 -3.13 -22.94
CA PRO A 226 4.23 -1.66 -22.80
C PRO A 226 4.06 -0.94 -24.12
N GLU B 2 33.61 12.43 20.31
CA GLU B 2 32.51 11.62 20.89
C GLU B 2 31.34 12.49 21.34
N GLY B 3 30.23 12.38 20.64
CA GLY B 3 29.06 13.17 20.99
C GLY B 3 28.59 14.03 19.83
N MET B 4 28.77 13.53 18.61
CA MET B 4 28.35 14.25 17.42
C MET B 4 28.26 13.32 16.22
N LYS B 5 27.61 12.18 16.40
CA LYS B 5 27.50 11.20 15.32
C LYS B 5 26.21 11.39 14.51
N GLY B 6 25.19 11.91 15.17
CA GLY B 6 23.92 12.14 14.51
C GLY B 6 22.76 11.96 15.47
N ALA B 7 21.57 12.36 15.02
CA ALA B 7 20.35 12.23 15.81
C ALA B 7 19.38 11.46 14.92
N VAL B 8 19.03 10.25 15.34
CA VAL B 8 18.14 9.38 14.58
C VAL B 8 16.83 9.09 15.30
N LEU B 9 15.73 9.24 14.58
CA LEU B 9 14.41 8.95 15.12
C LEU B 9 14.04 7.55 14.65
N ILE B 10 13.64 6.69 15.58
CA ILE B 10 13.31 5.31 15.24
C ILE B 10 11.87 4.98 15.67
N THR B 11 11.09 4.40 14.76
CA THR B 11 9.72 4.01 15.11
C THR B 11 9.74 2.53 15.44
N GLY B 12 8.80 2.08 16.26
CA GLY B 12 8.77 0.69 16.67
C GLY B 12 10.05 0.43 17.44
N ALA B 13 10.51 1.42 18.20
CA ALA B 13 11.76 1.30 18.94
C ALA B 13 11.67 0.48 20.22
N SER B 14 10.46 0.24 20.72
CA SER B 14 10.29 -0.50 21.96
C SER B 14 10.53 -2.00 21.89
N ARG B 15 10.66 -2.55 20.69
CA ARG B 15 10.86 -3.99 20.58
C ARG B 15 11.51 -4.42 19.28
N GLY B 16 11.94 -5.68 19.25
CA GLY B 16 12.55 -6.26 18.06
C GLY B 16 13.63 -5.48 17.35
N ILE B 17 13.47 -5.36 16.03
CA ILE B 17 14.43 -4.63 15.20
C ILE B 17 14.58 -3.19 15.68
N GLY B 18 13.46 -2.54 15.94
CA GLY B 18 13.49 -1.16 16.40
C GLY B 18 14.40 -0.95 17.60
N GLU B 19 14.21 -1.77 18.63
CA GLU B 19 15.01 -1.70 19.86
C GLU B 19 16.47 -2.07 19.58
N ALA B 20 16.67 -3.09 18.75
CA ALA B 20 18.03 -3.51 18.40
C ALA B 20 18.76 -2.38 17.66
N THR B 21 18.03 -1.61 16.87
CA THR B 21 18.66 -0.52 16.14
C THR B 21 19.02 0.60 17.12
N ALA B 22 18.12 0.85 18.07
CA ALA B 22 18.32 1.89 19.08
C ALA B 22 19.55 1.61 19.93
N ARG B 23 19.66 0.39 20.42
CA ARG B 23 20.79 0.00 21.25
C ARG B 23 22.13 0.14 20.54
N LEU B 24 22.17 -0.31 19.28
CA LEU B 24 23.39 -0.26 18.49
C LEU B 24 23.79 1.18 18.16
N LEU B 25 22.89 1.89 17.50
CA LEU B 25 23.16 3.28 17.13
C LEU B 25 23.60 4.15 18.31
N HIS B 26 22.94 3.95 19.46
CA HIS B 26 23.29 4.70 20.65
C HIS B 26 24.66 4.27 21.15
N ALA B 27 24.94 2.97 21.12
CA ALA B 27 26.23 2.47 21.56
C ALA B 27 27.32 3.01 20.63
N LYS B 28 26.97 3.28 19.37
CA LYS B 28 27.92 3.79 18.39
C LYS B 28 28.07 5.31 18.38
N GLY B 29 27.40 5.99 19.30
CA GLY B 29 27.52 7.44 19.35
C GLY B 29 26.38 8.25 18.76
N TYR B 30 25.36 7.59 18.20
CA TYR B 30 24.23 8.32 17.64
C TYR B 30 23.23 8.69 18.72
N ARG B 31 22.70 9.91 18.64
CA ARG B 31 21.66 10.33 19.57
C ARG B 31 20.39 9.68 19.00
N VAL B 32 19.54 9.14 19.85
CA VAL B 32 18.34 8.47 19.37
C VAL B 32 17.02 8.91 19.99
N GLY B 33 15.97 8.86 19.18
CA GLY B 33 14.64 9.20 19.63
C GLY B 33 13.90 7.89 19.55
N LEU B 34 13.25 7.49 20.64
CA LEU B 34 12.52 6.21 20.67
C LEU B 34 11.01 6.39 20.51
N MET B 35 10.49 6.12 19.32
CA MET B 35 9.07 6.28 19.08
C MET B 35 8.35 4.94 19.04
N ALA B 36 7.28 4.85 19.83
CA ALA B 36 6.46 3.66 19.93
C ALA B 36 5.23 4.02 20.74
N ARG B 37 4.26 3.11 20.79
CA ARG B 37 3.02 3.36 21.52
C ARG B 37 3.10 3.00 23.01
N ASP B 38 3.80 1.92 23.33
CA ASP B 38 3.96 1.47 24.70
C ASP B 38 4.87 2.41 25.47
N GLU B 39 4.29 3.36 26.18
CA GLU B 39 5.09 4.33 26.94
C GLU B 39 5.96 3.70 28.02
N LYS B 40 5.41 2.72 28.73
CA LYS B 40 6.16 2.06 29.79
C LYS B 40 7.46 1.43 29.27
N ARG B 41 7.35 0.65 28.19
CA ARG B 41 8.53 0.02 27.61
C ARG B 41 9.51 1.05 27.08
N LEU B 42 9.00 2.15 26.52
CA LEU B 42 9.89 3.18 25.99
C LEU B 42 10.70 3.77 27.14
N GLN B 43 10.02 4.06 28.23
CA GLN B 43 10.68 4.63 29.41
C GLN B 43 11.75 3.66 29.91
N ALA B 44 11.40 2.38 29.96
CA ALA B 44 12.33 1.36 30.42
C ALA B 44 13.57 1.33 29.54
N LEU B 45 13.36 1.33 28.22
CA LEU B 45 14.48 1.30 27.29
C LEU B 45 15.24 2.63 27.33
N ALA B 46 14.54 3.73 27.56
CA ALA B 46 15.19 5.03 27.62
C ALA B 46 16.16 5.08 28.81
N ALA B 47 15.80 4.37 29.87
CA ALA B 47 16.63 4.33 31.07
C ALA B 47 17.92 3.57 30.82
N GLU B 48 17.86 2.53 29.98
CA GLU B 48 19.05 1.75 29.67
C GLU B 48 20.02 2.51 28.77
N LEU B 49 19.55 3.60 28.16
CA LEU B 49 20.39 4.39 27.26
C LEU B 49 20.36 5.88 27.60
N GLU B 50 21.41 6.36 28.25
CA GLU B 50 21.48 7.77 28.63
C GLU B 50 21.40 8.70 27.43
N GLY B 51 20.57 9.73 27.53
CA GLY B 51 20.40 10.67 26.44
C GLY B 51 19.26 10.29 25.51
N ALA B 52 18.91 9.01 25.46
CA ALA B 52 17.83 8.53 24.59
C ALA B 52 16.54 9.26 24.87
N LEU B 53 15.90 9.74 23.81
CA LEU B 53 14.66 10.49 23.94
C LEU B 53 13.42 9.62 23.78
N PRO B 54 12.66 9.43 24.88
CA PRO B 54 11.43 8.62 24.87
C PRO B 54 10.32 9.44 24.22
N LEU B 55 9.87 9.01 23.04
CA LEU B 55 8.84 9.74 22.31
C LEU B 55 7.58 8.93 22.03
N PRO B 56 6.82 8.59 23.08
CA PRO B 56 5.59 7.80 22.86
C PRO B 56 4.68 8.51 21.87
N GLY B 57 4.06 7.74 20.98
CA GLY B 57 3.21 8.31 19.97
C GLY B 57 2.78 7.30 18.92
N ASP B 58 1.77 7.70 18.14
CA ASP B 58 1.19 6.86 17.11
C ASP B 58 1.57 7.31 15.68
N VAL B 59 2.32 6.49 14.95
CA VAL B 59 2.75 6.83 13.58
C VAL B 59 1.60 7.20 12.63
N ARG B 60 0.37 6.87 13.00
CA ARG B 60 -0.80 7.17 12.17
C ARG B 60 -1.23 8.63 12.27
N GLU B 61 -0.76 9.31 13.31
CA GLU B 61 -1.13 10.69 13.57
C GLU B 61 -0.08 11.71 13.14
N GLU B 62 -0.43 12.59 12.20
CA GLU B 62 0.51 13.62 11.75
C GLU B 62 0.94 14.45 12.94
N GLY B 63 0.02 14.59 13.89
CA GLY B 63 0.30 15.36 15.09
C GLY B 63 1.46 14.82 15.88
N ASP B 64 1.52 13.50 16.05
CA ASP B 64 2.59 12.88 16.83
C ASP B 64 3.93 12.96 16.09
N TRP B 65 3.87 12.88 14.76
CA TRP B 65 5.08 12.98 13.95
C TRP B 65 5.65 14.40 14.02
N ALA B 66 4.76 15.39 13.97
CA ALA B 66 5.19 16.79 14.03
C ALA B 66 5.88 17.04 15.37
N ARG B 67 5.26 16.58 16.45
CA ARG B 67 5.81 16.75 17.80
C ARG B 67 7.09 15.95 18.03
N ALA B 68 7.16 14.77 17.42
CA ALA B 68 8.34 13.90 17.55
C ALA B 68 9.57 14.49 16.90
N VAL B 69 9.41 14.95 15.66
CA VAL B 69 10.50 15.55 14.90
C VAL B 69 10.96 16.84 15.58
N ALA B 70 10.01 17.65 16.03
CA ALA B 70 10.31 18.89 16.71
C ALA B 70 11.04 18.61 18.03
N ALA B 71 10.61 17.58 18.76
CA ALA B 71 11.23 17.22 20.03
C ALA B 71 12.68 16.82 19.77
N MET B 72 12.89 16.15 18.65
CA MET B 72 14.23 15.73 18.24
C MET B 72 15.13 16.93 18.00
N GLU B 73 14.63 17.92 17.26
CA GLU B 73 15.41 19.11 16.95
C GLU B 73 15.71 19.98 18.17
N GLU B 74 14.81 19.97 19.15
CA GLU B 74 15.03 20.78 20.35
C GLU B 74 16.03 20.12 21.30
N ALA B 75 16.00 18.80 21.35
CA ALA B 75 16.90 18.06 22.23
C ALA B 75 18.30 17.89 21.66
N PHE B 76 18.39 17.63 20.37
CA PHE B 76 19.68 17.39 19.74
C PHE B 76 20.14 18.44 18.73
N GLY B 77 19.37 19.52 18.58
CA GLY B 77 19.76 20.56 17.64
C GLY B 77 19.53 20.21 16.19
N GLU B 78 19.11 18.98 15.91
CA GLU B 78 18.86 18.57 14.54
C GLU B 78 18.34 17.15 14.45
N LEU B 79 18.01 16.75 13.23
CA LEU B 79 17.56 15.39 12.95
C LEU B 79 18.42 14.98 11.76
N SER B 80 19.16 13.89 11.88
CA SER B 80 20.04 13.46 10.80
C SER B 80 19.47 12.29 10.04
N ALA B 81 18.59 11.54 10.66
CA ALA B 81 18.01 10.38 9.99
C ALA B 81 16.75 9.84 10.64
N LEU B 82 15.98 9.11 9.85
CA LEU B 82 14.75 8.48 10.29
C LEU B 82 14.78 7.02 9.87
N VAL B 83 14.32 6.16 10.78
CA VAL B 83 14.25 4.73 10.52
C VAL B 83 12.82 4.27 10.77
N ASN B 84 12.16 3.83 9.71
CA ASN B 84 10.78 3.38 9.78
C ASN B 84 10.74 1.88 10.12
N ASN B 85 10.28 1.56 11.33
CA ASN B 85 10.17 0.17 11.76
C ASN B 85 8.83 -0.14 12.44
N ALA B 86 7.93 0.84 12.52
CA ALA B 86 6.63 0.59 13.15
C ALA B 86 5.85 -0.45 12.36
N GLY B 87 5.05 -1.25 13.06
CA GLY B 87 4.27 -2.26 12.37
C GLY B 87 3.25 -2.99 13.25
N VAL B 88 2.13 -3.37 12.63
CA VAL B 88 1.07 -4.11 13.31
C VAL B 88 0.60 -5.17 12.34
N GLY B 89 0.01 -6.23 12.88
CA GLY B 89 -0.48 -7.30 12.03
C GLY B 89 -1.79 -7.95 12.43
N VAL B 90 -2.65 -8.16 11.44
CA VAL B 90 -3.93 -8.82 11.62
C VAL B 90 -4.02 -9.75 10.43
N MET B 91 -4.02 -11.05 10.68
CA MET B 91 -4.09 -11.98 9.57
C MET B 91 -5.38 -12.80 9.63
N LYS B 92 -6.06 -12.89 8.49
CA LYS B 92 -7.30 -13.66 8.37
C LYS B 92 -7.80 -13.55 6.95
N PRO B 93 -8.72 -14.43 6.56
CA PRO B 93 -9.26 -14.37 5.19
C PRO B 93 -9.61 -12.95 4.80
N VAL B 94 -9.23 -12.56 3.59
CA VAL B 94 -9.46 -11.21 3.08
C VAL B 94 -10.89 -10.68 3.25
N HIS B 95 -11.91 -11.45 2.86
CA HIS B 95 -13.28 -10.98 3.00
C HIS B 95 -13.77 -10.93 4.44
N GLU B 96 -13.13 -11.68 5.31
CA GLU B 96 -13.52 -11.71 6.72
C GLU B 96 -12.92 -10.55 7.52
N LEU B 97 -11.99 -9.82 6.90
CA LEU B 97 -11.34 -8.68 7.54
C LEU B 97 -12.31 -7.50 7.59
N THR B 98 -12.32 -6.76 8.69
CA THR B 98 -13.20 -5.61 8.78
C THR B 98 -12.44 -4.41 8.24
N LEU B 99 -13.18 -3.37 7.89
CA LEU B 99 -12.58 -2.15 7.38
C LEU B 99 -11.70 -1.55 8.46
N GLU B 100 -12.10 -1.76 9.72
CA GLU B 100 -11.34 -1.24 10.86
C GLU B 100 -9.99 -1.95 11.01
N GLU B 101 -9.99 -3.28 10.93
CA GLU B 101 -8.78 -4.06 11.05
C GLU B 101 -7.86 -3.73 9.87
N TRP B 102 -8.44 -3.51 8.71
CA TRP B 102 -7.66 -3.18 7.52
C TRP B 102 -6.95 -1.84 7.66
N ARG B 103 -7.64 -0.83 8.19
CA ARG B 103 -7.05 0.49 8.37
C ARG B 103 -5.96 0.49 9.43
N LEU B 104 -6.13 -0.34 10.45
CA LEU B 104 -5.13 -0.42 11.50
C LEU B 104 -3.79 -0.81 10.88
N VAL B 105 -3.80 -1.85 10.05
CA VAL B 105 -2.59 -2.34 9.41
C VAL B 105 -2.00 -1.36 8.41
N LEU B 106 -2.81 -0.95 7.43
CA LEU B 106 -2.35 -0.02 6.41
C LEU B 106 -1.98 1.37 6.86
N ASP B 107 -2.70 1.92 7.84
CA ASP B 107 -2.39 3.26 8.32
C ASP B 107 -1.10 3.23 9.11
N THR B 108 -0.94 2.17 9.90
CA THR B 108 0.27 2.05 10.71
C THR B 108 1.50 1.70 9.89
N ASN B 109 1.41 0.64 9.08
CA ASN B 109 2.55 0.18 8.29
C ASN B 109 2.88 0.99 7.04
N LEU B 110 1.86 1.50 6.36
CA LEU B 110 2.09 2.24 5.12
C LEU B 110 1.93 3.74 5.26
N THR B 111 0.75 4.21 5.70
CA THR B 111 0.54 5.64 5.88
C THR B 111 1.55 6.19 6.88
N GLY B 112 1.85 5.38 7.90
CA GLY B 112 2.83 5.80 8.89
C GLY B 112 4.20 6.16 8.31
N ALA B 113 4.66 5.40 7.30
CA ALA B 113 5.96 5.66 6.69
C ALA B 113 5.87 6.96 5.89
N PHE B 114 4.76 7.13 5.16
CA PHE B 114 4.54 8.36 4.39
C PHE B 114 4.63 9.55 5.33
N LEU B 115 3.81 9.55 6.38
CA LEU B 115 3.81 10.66 7.36
C LEU B 115 5.21 10.87 7.92
N GLY B 116 5.93 9.76 8.11
CA GLY B 116 7.29 9.84 8.62
C GLY B 116 8.21 10.56 7.64
N ILE B 117 8.05 10.28 6.36
CA ILE B 117 8.85 10.93 5.35
C ILE B 117 8.45 12.40 5.25
N ARG B 118 7.15 12.65 5.28
CA ARG B 118 6.62 14.00 5.20
C ARG B 118 7.11 14.93 6.29
N HIS B 119 7.17 14.43 7.52
CA HIS B 119 7.61 15.28 8.63
C HIS B 119 9.10 15.27 8.93
N ALA B 120 9.82 14.25 8.47
CA ALA B 120 11.25 14.19 8.69
C ALA B 120 12.05 14.95 7.61
N VAL B 121 11.60 14.91 6.36
CA VAL B 121 12.33 15.58 5.29
C VAL B 121 12.70 17.06 5.57
N PRO B 122 11.73 17.90 5.95
CA PRO B 122 12.00 19.32 6.24
C PRO B 122 13.14 19.50 7.25
N ALA B 123 13.19 18.65 8.26
CA ALA B 123 14.25 18.72 9.27
C ALA B 123 15.58 18.29 8.65
N LEU B 124 15.51 17.44 7.64
CA LEU B 124 16.72 16.96 6.96
C LEU B 124 17.17 18.04 5.97
N LEU B 125 16.21 18.71 5.34
CA LEU B 125 16.54 19.77 4.39
C LEU B 125 17.14 20.96 5.13
N ARG B 126 16.82 21.07 6.42
CA ARG B 126 17.36 22.17 7.23
C ARG B 126 18.87 22.03 7.38
N ARG B 127 19.36 20.80 7.55
CA ARG B 127 20.78 20.56 7.73
C ARG B 127 21.53 20.25 6.44
N GLY B 128 20.83 20.27 5.31
CA GLY B 128 21.46 20.00 4.03
C GLY B 128 21.38 18.57 3.56
N GLY B 129 20.54 17.76 4.20
CA GLY B 129 20.42 16.37 3.79
C GLY B 129 20.33 15.40 4.95
N GLY B 130 20.15 14.13 4.64
CA GLY B 130 20.03 13.13 5.67
C GLY B 130 19.67 11.79 5.08
N THR B 131 19.27 10.86 5.94
CA THR B 131 18.95 9.52 5.50
C THR B 131 17.62 9.00 6.07
N ILE B 132 16.86 8.28 5.24
CA ILE B 132 15.61 7.70 5.68
C ILE B 132 15.71 6.21 5.37
N VAL B 133 15.78 5.41 6.43
CA VAL B 133 15.93 3.96 6.29
C VAL B 133 14.62 3.25 6.53
N ASN B 134 14.22 2.42 5.57
CA ASN B 134 12.98 1.66 5.72
C ASN B 134 13.33 0.20 5.96
N VAL B 135 12.79 -0.38 7.03
CA VAL B 135 13.02 -1.78 7.34
C VAL B 135 11.93 -2.53 6.58
N GLY B 136 12.33 -3.36 5.62
CA GLY B 136 11.36 -4.09 4.82
C GLY B 136 11.01 -5.45 5.41
N SER B 137 10.14 -6.17 4.71
CA SER B 137 9.66 -7.46 5.16
C SER B 137 9.53 -8.45 4.01
N LEU B 138 9.53 -9.74 4.32
CA LEU B 138 9.39 -10.76 3.29
C LEU B 138 7.98 -10.67 2.74
N ALA B 139 7.07 -10.19 3.59
CA ALA B 139 5.67 -10.03 3.22
C ALA B 139 5.54 -8.93 2.15
N GLY B 140 6.67 -8.31 1.81
CA GLY B 140 6.65 -7.26 0.80
C GLY B 140 6.78 -7.84 -0.59
N LYS B 141 7.08 -9.13 -0.68
CA LYS B 141 7.23 -9.77 -1.97
C LYS B 141 6.57 -11.13 -2.05
N ASN B 142 6.28 -11.74 -0.90
CA ASN B 142 5.66 -13.06 -0.88
C ASN B 142 4.27 -13.10 -0.25
N PRO B 143 3.22 -13.18 -1.08
CA PRO B 143 1.83 -13.24 -0.61
C PRO B 143 1.62 -14.51 0.23
N PHE B 144 0.65 -14.50 1.13
CA PHE B 144 0.37 -15.67 1.95
C PHE B 144 -1.05 -15.62 2.51
N LYS B 145 -1.62 -16.78 2.79
CA LYS B 145 -2.97 -16.90 3.34
C LYS B 145 -3.17 -16.02 4.56
N GLY B 146 -4.21 -15.19 4.54
CA GLY B 146 -4.48 -14.33 5.69
C GLY B 146 -3.73 -13.02 5.69
N GLY B 147 -2.84 -12.84 4.71
CA GLY B 147 -2.05 -11.62 4.65
C GLY B 147 -2.58 -10.47 3.81
N ALA B 148 -3.87 -10.49 3.46
CA ALA B 148 -4.44 -9.42 2.65
C ALA B 148 -3.91 -8.04 3.04
N ALA B 149 -4.19 -7.62 4.28
CA ALA B 149 -3.75 -6.30 4.71
C ALA B 149 -2.26 -6.21 5.00
N TYR B 150 -1.66 -7.26 5.54
CA TYR B 150 -0.23 -7.21 5.85
C TYR B 150 0.61 -7.13 4.57
N ASN B 151 0.35 -8.02 3.60
CA ASN B 151 1.07 -8.03 2.32
C ASN B 151 0.86 -6.68 1.60
N ALA B 152 -0.39 -6.23 1.57
CA ALA B 152 -0.74 -4.96 0.92
C ALA B 152 0.06 -3.80 1.48
N SER B 153 0.17 -3.73 2.80
CA SER B 153 0.96 -2.65 3.40
C SER B 153 2.46 -2.86 3.14
N LYS B 154 2.91 -4.12 3.11
CA LYS B 154 4.34 -4.37 2.89
C LYS B 154 4.75 -4.23 1.42
N PHE B 155 3.82 -4.53 0.51
CA PHE B 155 4.09 -4.36 -0.92
C PHE B 155 4.09 -2.86 -1.17
N GLY B 156 3.05 -2.19 -0.68
CA GLY B 156 2.93 -0.76 -0.87
C GLY B 156 4.13 0.02 -0.36
N LEU B 157 4.73 -0.42 0.74
CA LEU B 157 5.89 0.26 1.31
C LEU B 157 7.01 0.42 0.27
N LEU B 158 7.21 -0.59 -0.56
CA LEU B 158 8.25 -0.55 -1.58
C LEU B 158 7.89 0.44 -2.68
N GLY B 159 6.59 0.56 -2.95
CA GLY B 159 6.14 1.48 -3.97
C GLY B 159 6.42 2.89 -3.48
N LEU B 160 6.07 3.16 -2.22
CA LEU B 160 6.30 4.46 -1.58
C LEU B 160 7.78 4.77 -1.56
N ALA B 161 8.56 3.81 -1.08
CA ALA B 161 10.00 3.96 -0.96
C ALA B 161 10.70 4.19 -2.29
N GLY B 162 10.29 3.46 -3.33
CA GLY B 162 10.91 3.64 -4.62
C GLY B 162 10.75 5.04 -5.15
N ALA B 163 9.51 5.53 -5.20
CA ALA B 163 9.25 6.86 -5.69
C ALA B 163 9.91 7.89 -4.79
N ALA B 164 9.93 7.63 -3.48
CA ALA B 164 10.52 8.56 -2.53
C ALA B 164 12.00 8.80 -2.79
N MET B 165 12.76 7.75 -3.06
CA MET B 165 14.18 7.96 -3.31
C MET B 165 14.45 8.74 -4.58
N LEU B 166 13.55 8.65 -5.56
CA LEU B 166 13.71 9.39 -6.79
C LEU B 166 13.30 10.86 -6.58
N ASP B 167 12.40 11.10 -5.63
CA ASP B 167 11.96 12.48 -5.36
C ASP B 167 12.91 13.27 -4.51
N LEU B 168 13.61 12.58 -3.61
CA LEU B 168 14.51 13.22 -2.65
C LEU B 168 15.99 13.21 -2.92
N ARG B 169 16.45 12.41 -3.87
CA ARG B 169 17.89 12.33 -4.13
C ARG B 169 18.57 13.64 -4.54
N GLU B 170 17.85 14.53 -5.21
CA GLU B 170 18.44 15.79 -5.60
C GLU B 170 18.58 16.73 -4.40
N ALA B 171 17.81 16.46 -3.36
CA ALA B 171 17.87 17.29 -2.15
C ALA B 171 18.85 16.68 -1.16
N ASN B 172 19.62 15.69 -1.63
CA ASN B 172 20.63 15.02 -0.82
C ASN B 172 20.02 14.20 0.32
N VAL B 173 18.81 13.69 0.11
CA VAL B 173 18.17 12.86 1.12
C VAL B 173 18.12 11.43 0.61
N ARG B 174 18.91 10.55 1.21
CA ARG B 174 18.96 9.17 0.76
C ARG B 174 17.93 8.27 1.41
N VAL B 175 17.08 7.67 0.57
CA VAL B 175 16.06 6.75 1.02
C VAL B 175 16.60 5.35 0.73
N VAL B 176 16.97 4.62 1.78
CA VAL B 176 17.53 3.28 1.62
C VAL B 176 16.66 2.22 2.29
N ASN B 177 16.46 1.12 1.59
CA ASN B 177 15.67 0.01 2.12
C ASN B 177 16.55 -1.12 2.63
N VAL B 178 16.19 -1.65 3.79
CA VAL B 178 16.92 -2.78 4.36
C VAL B 178 15.88 -3.89 4.47
N LEU B 179 16.07 -4.97 3.72
CA LEU B 179 15.09 -6.06 3.77
C LEU B 179 15.69 -7.47 3.63
N PRO B 180 14.97 -8.49 4.14
CA PRO B 180 15.40 -9.90 4.09
C PRO B 180 15.56 -10.49 2.68
N GLY B 181 16.23 -11.62 2.61
CA GLY B 181 16.45 -12.28 1.33
C GLY B 181 15.18 -12.79 0.69
N SER B 182 15.26 -13.96 0.07
CA SER B 182 14.09 -14.56 -0.59
C SER B 182 13.58 -15.77 0.18
N VAL B 183 14.48 -16.72 0.45
CA VAL B 183 14.12 -17.94 1.18
C VAL B 183 14.97 -18.10 2.44
N LYS B 197 17.43 -18.23 10.64
CA LYS B 197 16.52 -17.10 10.98
C LYS B 197 17.33 -15.81 11.04
N LEU B 198 16.70 -14.69 10.71
CA LEU B 198 17.38 -13.40 10.73
C LEU B 198 17.14 -12.68 12.06
N LYS B 199 18.20 -12.52 12.85
CA LYS B 199 18.09 -11.86 14.15
C LYS B 199 17.91 -10.34 14.07
N PRO B 200 17.25 -9.76 15.09
CA PRO B 200 17.02 -8.31 15.11
C PRO B 200 18.33 -7.53 15.11
N GLU B 201 19.37 -8.10 15.72
CA GLU B 201 20.66 -7.44 15.77
C GLU B 201 21.31 -7.36 14.39
N ASP B 202 21.00 -8.33 13.53
CA ASP B 202 21.57 -8.36 12.19
C ASP B 202 21.00 -7.22 11.34
N VAL B 203 19.72 -6.94 11.51
CA VAL B 203 19.10 -5.87 10.74
C VAL B 203 19.64 -4.51 11.23
N ALA B 204 19.79 -4.39 12.54
CA ALA B 204 20.28 -3.17 13.15
C ALA B 204 21.65 -2.81 12.57
N GLN B 205 22.44 -3.84 12.29
CA GLN B 205 23.78 -3.67 11.75
C GLN B 205 23.69 -3.05 10.35
N ALA B 206 22.77 -3.58 9.53
CA ALA B 206 22.57 -3.09 8.18
C ALA B 206 22.10 -1.63 8.26
N VAL B 207 21.17 -1.36 9.18
CA VAL B 207 20.66 0.00 9.34
C VAL B 207 21.85 0.91 9.67
N LEU B 208 22.77 0.40 10.48
CA LEU B 208 23.97 1.14 10.89
C LEU B 208 24.80 1.55 9.68
N PHE B 209 25.07 0.59 8.79
CA PHE B 209 25.86 0.90 7.61
C PHE B 209 25.18 1.94 6.75
N ALA B 210 23.92 1.69 6.41
CA ALA B 210 23.16 2.63 5.58
C ALA B 210 23.37 4.06 6.04
N LEU B 211 23.52 4.26 7.34
CA LEU B 211 23.71 5.59 7.89
C LEU B 211 25.12 6.14 7.74
N GLU B 212 26.12 5.33 8.10
CA GLU B 212 27.49 5.78 8.00
C GLU B 212 28.20 5.20 6.80
N MET B 213 28.29 6.01 5.76
CA MET B 213 28.95 5.64 4.53
C MET B 213 29.17 6.91 3.73
N PRO B 214 30.30 6.98 3.00
CA PRO B 214 30.67 8.14 2.18
C PRO B 214 29.57 8.56 1.20
N GLY B 215 29.64 9.80 0.74
CA GLY B 215 28.62 10.30 -0.18
C GLY B 215 29.05 10.35 -1.64
N HIS B 216 28.46 9.47 -2.45
CA HIS B 216 28.71 9.39 -3.89
C HIS B 216 28.00 8.18 -4.49
N ALA B 217 26.87 8.43 -5.13
CA ALA B 217 26.06 7.38 -5.73
C ALA B 217 25.90 6.23 -4.74
N MET B 218 25.56 6.58 -3.50
CA MET B 218 25.38 5.61 -2.43
C MET B 218 24.40 4.49 -2.71
N VAL B 219 24.19 3.68 -1.67
CA VAL B 219 23.31 2.52 -1.72
C VAL B 219 21.85 2.93 -1.60
N SER B 220 20.97 2.27 -2.35
CA SER B 220 19.56 2.57 -2.29
C SER B 220 18.85 1.40 -1.62
N GLU B 221 19.54 0.27 -1.51
CA GLU B 221 18.95 -0.91 -0.89
C GLU B 221 19.99 -1.92 -0.44
N ILE B 222 19.72 -2.57 0.69
CA ILE B 222 20.59 -3.58 1.26
C ILE B 222 19.74 -4.80 1.61
N GLU B 223 20.07 -5.94 1.01
CA GLU B 223 19.33 -7.18 1.26
C GLU B 223 20.12 -8.10 2.18
N LEU B 224 19.45 -8.67 3.16
CA LEU B 224 20.08 -9.56 4.13
C LEU B 224 19.49 -10.96 4.14
N ARG B 225 20.21 -11.91 4.74
CA ARG B 225 19.76 -13.28 4.83
C ARG B 225 20.61 -14.03 5.85
N PRO B 226 19.99 -14.97 6.60
CA PRO B 226 20.73 -15.74 7.61
C PRO B 226 21.89 -16.56 7.04
N THR B 227 23.05 -16.45 7.68
CA THR B 227 24.25 -17.16 7.26
C THR B 227 24.54 -18.33 8.20
CO CO C . -15.00 7.08 -12.67
CO CO D . 4.47 -0.48 20.82
#